data_1NIW
#
_entry.id   1NIW
#
_cell.length_a   68.521
_cell.length_b   73.952
_cell.length_c   71.142
_cell.angle_alpha   90.00
_cell.angle_beta   111.40
_cell.angle_gamma   90.00
#
_symmetry.space_group_name_H-M   'P 1 21 1'
#
loop_
_entity.id
_entity.type
_entity.pdbx_description
1 polymer calmodulin
2 polymer 'Nitric-oxide synthase, endothelial'
3 non-polymer 'CALCIUM ION'
4 non-polymer 'SULFATE ION'
5 non-polymer 1,2-ETHANEDIOL
6 water water
#
loop_
_entity_poly.entity_id
_entity_poly.type
_entity_poly.pdbx_seq_one_letter_code
_entity_poly.pdbx_strand_id
1 'polypeptide(L)'
;ADQLTEEQIAEFKEAFSLFDKDGDGTITTKELGTV(MSE)RSLGQNPTEAELQD(MSE)INEVDADGNGTIDFPEFLT
(MSE)(MSE)ARK(MSE)KDTDSEEEIREAFRVFDKDGNGYISAAELRHV(MSE)TNLGEKLTDEEVDE(MSE)IREADI
DGDGQVNYEEFVQ(MSE)(MSE)TAK
;
A,C,E,G
2 'polypeptide(L)' RKKTFKEVANAVKISASLMG B,D,F,H
#
# COMPACT_ATOMS: atom_id res chain seq x y z
N GLN A 3 1.48 -11.47 -39.62
CA GLN A 3 0.67 -12.37 -38.74
C GLN A 3 1.24 -12.40 -37.32
N LEU A 4 2.20 -11.52 -37.06
CA LEU A 4 2.81 -11.40 -35.74
C LEU A 4 2.12 -10.19 -35.12
N THR A 5 2.01 -10.16 -33.80
CA THR A 5 1.38 -9.02 -33.15
C THR A 5 2.47 -8.01 -32.85
N GLU A 6 2.11 -6.73 -32.85
CA GLU A 6 3.09 -5.68 -32.59
C GLU A 6 3.78 -5.84 -31.24
N GLU A 7 3.16 -6.59 -30.35
CA GLU A 7 3.75 -6.83 -29.04
C GLU A 7 4.91 -7.81 -29.24
N GLN A 8 4.66 -8.84 -30.03
CA GLN A 8 5.67 -9.86 -30.30
C GLN A 8 6.86 -9.26 -31.03
N ILE A 9 6.57 -8.45 -32.04
CA ILE A 9 7.61 -7.78 -32.82
C ILE A 9 8.44 -6.92 -31.88
N ALA A 10 7.74 -6.21 -31.00
CA ALA A 10 8.39 -5.34 -30.02
C ALA A 10 9.31 -6.16 -29.12
N GLU A 11 8.84 -7.34 -28.71
CA GLU A 11 9.64 -8.21 -27.84
C GLU A 11 10.88 -8.72 -28.57
N PHE A 12 10.73 -9.09 -29.84
CA PHE A 12 11.87 -9.55 -30.62
C PHE A 12 12.85 -8.41 -30.87
N LYS A 13 12.33 -7.21 -31.11
CA LYS A 13 13.18 -6.06 -31.33
C LYS A 13 13.96 -5.77 -30.05
N GLU A 14 13.29 -5.93 -28.91
CA GLU A 14 13.92 -5.70 -27.63
C GLU A 14 15.01 -6.74 -27.42
N ALA A 15 14.71 -8.00 -27.73
CA ALA A 15 15.70 -9.07 -27.59
C ALA A 15 16.91 -8.76 -28.48
N PHE A 16 16.64 -8.34 -29.71
CA PHE A 16 17.70 -8.01 -30.64
C PHE A 16 18.60 -6.92 -30.07
N SER A 17 17.97 -5.88 -29.52
CA SER A 17 18.74 -4.76 -28.97
C SER A 17 19.59 -5.17 -27.77
N LEU A 18 19.18 -6.19 -27.03
CA LEU A 18 19.96 -6.64 -25.88
C LEU A 18 21.32 -7.17 -26.38
N PHE A 19 21.33 -7.82 -27.54
CA PHE A 19 22.57 -8.34 -28.11
C PHE A 19 23.32 -7.18 -28.78
N ASP A 20 22.59 -6.42 -29.59
CA ASP A 20 23.13 -5.27 -30.31
C ASP A 20 23.34 -4.08 -29.35
N LYS A 21 24.25 -4.25 -28.40
CA LYS A 21 24.53 -3.22 -27.40
C LYS A 21 25.10 -1.89 -27.88
N ASP A 22 25.65 -1.85 -29.10
CA ASP A 22 26.20 -0.61 -29.62
C ASP A 22 25.23 -0.01 -30.60
N GLY A 23 24.05 -0.61 -30.68
CA GLY A 23 23.02 -0.13 -31.58
C GLY A 23 23.54 0.15 -32.98
N ASP A 24 24.46 -0.67 -33.46
CA ASP A 24 25.01 -0.47 -34.80
C ASP A 24 24.17 -1.21 -35.84
N GLY A 25 23.14 -1.91 -35.39
CA GLY A 25 22.25 -2.63 -36.29
C GLY A 25 22.52 -4.11 -36.49
N THR A 26 23.63 -4.62 -35.97
CA THR A 26 23.94 -6.04 -36.14
C THR A 26 24.51 -6.68 -34.88
N ILE A 27 24.45 -8.01 -34.86
CA ILE A 27 24.97 -8.81 -33.76
C ILE A 27 26.26 -9.47 -34.20
N THR A 28 27.33 -9.20 -33.48
CA THR A 28 28.64 -9.77 -33.80
C THR A 28 28.92 -10.97 -32.90
N THR A 29 29.99 -11.71 -33.17
CA THR A 29 30.33 -12.83 -32.33
C THR A 29 30.60 -12.26 -30.94
N LYS A 30 31.13 -11.05 -30.91
CA LYS A 30 31.44 -10.40 -29.64
C LYS A 30 30.17 -10.20 -28.81
N GLU A 31 29.15 -9.59 -29.41
CA GLU A 31 27.87 -9.31 -28.72
C GLU A 31 27.12 -10.58 -28.38
N LEU A 32 27.18 -11.54 -29.28
CA LEU A 32 26.51 -12.81 -29.05
C LEU A 32 27.16 -13.42 -27.82
N GLY A 33 28.50 -13.35 -27.78
CA GLY A 33 29.22 -13.89 -26.65
C GLY A 33 28.93 -13.15 -25.35
N THR A 34 28.83 -11.82 -25.44
CA THR A 34 28.58 -11.01 -24.25
C THR A 34 27.27 -11.44 -23.57
N VAL A 35 26.19 -11.49 -24.34
CA VAL A 35 24.89 -11.88 -23.80
C VAL A 35 24.94 -13.28 -23.22
N ARG A 37 27.32 -14.97 -22.10
CA ARG A 37 28.09 -14.97 -20.87
C ARG A 37 27.26 -14.38 -19.74
N SER A 38 26.51 -13.32 -20.05
CA SER A 38 25.65 -12.68 -19.06
C SER A 38 24.53 -13.63 -18.63
N LEU A 39 24.39 -14.75 -19.33
CA LEU A 39 23.35 -15.71 -19.01
C LEU A 39 23.90 -17.01 -18.46
N GLY A 40 25.10 -16.95 -17.89
CA GLY A 40 25.71 -18.14 -17.31
C GLY A 40 26.33 -19.13 -18.28
N GLN A 41 26.43 -18.77 -19.55
CA GLN A 41 27.02 -19.65 -20.56
C GLN A 41 28.47 -19.23 -20.80
N ASN A 42 29.23 -20.08 -21.48
CA ASN A 42 30.63 -19.78 -21.76
C ASN A 42 31.07 -20.35 -23.12
N PRO A 43 30.43 -19.91 -24.22
CA PRO A 43 30.76 -20.38 -25.56
C PRO A 43 32.16 -20.01 -26.04
N THR A 44 32.71 -20.84 -26.93
CA THR A 44 34.04 -20.58 -27.49
C THR A 44 33.83 -19.69 -28.70
N GLU A 45 34.90 -19.04 -29.16
CA GLU A 45 34.80 -18.19 -30.32
C GLU A 45 34.35 -19.01 -31.53
N ALA A 46 34.84 -20.25 -31.62
CA ALA A 46 34.51 -21.14 -32.73
C ALA A 46 33.00 -21.43 -32.80
N GLU A 47 32.39 -21.63 -31.64
CA GLU A 47 30.96 -21.89 -31.58
C GLU A 47 30.16 -20.63 -31.93
N LEU A 48 30.64 -19.49 -31.46
CA LEU A 48 29.96 -18.23 -31.75
C LEU A 48 29.99 -17.99 -33.25
N GLN A 49 31.12 -18.30 -33.87
CA GLN A 49 31.30 -18.15 -35.31
C GLN A 49 30.35 -19.09 -36.05
N ASP A 50 30.21 -20.31 -35.53
CA ASP A 50 29.33 -21.29 -36.14
C ASP A 50 27.90 -20.78 -36.07
N ILE A 52 26.74 -17.71 -36.02
CA ILE A 52 26.47 -16.65 -36.99
C ILE A 52 26.43 -17.18 -38.43
N ASN A 53 27.38 -18.05 -38.78
CA ASN A 53 27.44 -18.58 -40.13
C ASN A 53 26.21 -19.43 -40.50
N GLU A 54 25.58 -20.03 -39.50
CA GLU A 54 24.40 -20.84 -39.76
C GLU A 54 23.20 -20.02 -40.20
N VAL A 55 23.23 -18.71 -39.98
CA VAL A 55 22.13 -17.84 -40.37
C VAL A 55 22.58 -16.61 -41.13
N ASP A 56 23.89 -16.51 -41.37
CA ASP A 56 24.43 -15.36 -42.08
C ASP A 56 24.20 -15.48 -43.59
N ALA A 57 22.94 -15.33 -43.99
CA ALA A 57 22.53 -15.43 -45.39
C ALA A 57 23.33 -14.50 -46.32
N ASP A 58 23.61 -13.28 -45.87
CA ASP A 58 24.34 -12.32 -46.68
C ASP A 58 25.86 -12.41 -46.46
N GLY A 59 26.29 -13.44 -45.74
CA GLY A 59 27.70 -13.66 -45.46
C GLY A 59 28.57 -12.44 -45.18
N ASN A 60 28.15 -11.61 -44.22
CA ASN A 60 28.92 -10.43 -43.86
C ASN A 60 29.53 -10.59 -42.48
N GLY A 61 29.50 -11.82 -41.97
CA GLY A 61 30.08 -12.08 -40.66
C GLY A 61 29.26 -11.66 -39.45
N THR A 62 28.08 -11.08 -39.66
CA THR A 62 27.23 -10.64 -38.55
C THR A 62 25.77 -11.04 -38.75
N ILE A 63 24.97 -10.87 -37.71
CA ILE A 63 23.54 -11.22 -37.76
C ILE A 63 22.66 -9.97 -37.75
N ASP A 64 21.82 -9.80 -38.77
CA ASP A 64 20.93 -8.66 -38.83
C ASP A 64 19.57 -9.11 -38.27
N PHE A 65 18.60 -8.20 -38.18
CA PHE A 65 17.31 -8.56 -37.61
C PHE A 65 16.65 -9.78 -38.26
N PRO A 66 16.49 -9.77 -39.60
CA PRO A 66 15.85 -10.97 -40.17
C PRO A 66 16.62 -12.27 -39.92
N GLU A 67 17.94 -12.20 -39.78
CA GLU A 67 18.73 -13.40 -39.53
C GLU A 67 18.58 -13.81 -38.07
N PHE A 68 18.46 -12.81 -37.20
CA PHE A 68 18.29 -13.07 -35.76
C PHE A 68 17.01 -13.87 -35.53
N LEU A 69 15.91 -13.39 -36.10
CA LEU A 69 14.62 -14.07 -35.97
C LEU A 69 14.72 -15.48 -36.54
N THR A 70 15.48 -15.65 -37.61
CA THR A 70 15.65 -16.98 -38.20
C THR A 70 16.31 -17.90 -37.17
N ALA A 73 13.87 -18.62 -34.25
CA ALA A 73 12.77 -19.51 -34.61
C ALA A 73 13.14 -21.00 -34.51
N ARG A 74 14.40 -21.34 -34.77
CA ARG A 74 14.83 -22.74 -34.71
C ARG A 74 15.46 -23.13 -33.38
N LYS A 75 16.06 -22.18 -32.69
CA LYS A 75 16.71 -22.50 -31.42
C LYS A 75 15.75 -22.59 -30.25
N LYS A 77 12.83 -24.14 -30.64
CA LYS A 77 11.93 -25.26 -30.96
C LYS A 77 12.55 -26.55 -30.42
N ASP A 78 13.68 -26.42 -29.75
CA ASP A 78 14.35 -27.56 -29.14
C ASP A 78 14.41 -27.34 -27.63
N THR A 79 13.33 -26.75 -27.13
CA THR A 79 13.12 -26.44 -25.71
C THR A 79 11.77 -25.75 -25.63
N ASP A 80 10.93 -26.18 -24.70
CA ASP A 80 9.60 -25.62 -24.53
C ASP A 80 9.55 -24.37 -23.66
N SER A 81 8.35 -23.79 -23.56
CA SER A 81 8.11 -22.57 -22.80
C SER A 81 8.47 -22.62 -21.32
N GLU A 82 7.69 -23.35 -20.53
CA GLU A 82 7.90 -23.44 -19.09
C GLU A 82 9.38 -23.45 -18.70
N GLU A 83 10.21 -24.15 -19.46
CA GLU A 83 11.63 -24.24 -19.18
C GLU A 83 12.33 -22.91 -19.45
N GLU A 84 11.89 -22.22 -20.49
CA GLU A 84 12.45 -20.93 -20.87
C GLU A 84 12.02 -19.87 -19.86
N ILE A 85 10.75 -19.89 -19.50
CA ILE A 85 10.21 -18.94 -18.53
C ILE A 85 10.94 -19.11 -17.21
N ARG A 86 11.19 -20.36 -16.84
CA ARG A 86 11.90 -20.67 -15.59
C ARG A 86 13.32 -20.12 -15.66
N GLU A 87 13.94 -20.24 -16.84
CA GLU A 87 15.30 -19.75 -17.02
C GLU A 87 15.34 -18.23 -16.87
N ALA A 88 14.41 -17.53 -17.50
CA ALA A 88 14.36 -16.08 -17.42
C ALA A 88 14.25 -15.64 -15.96
N PHE A 89 13.41 -16.33 -15.19
CA PHE A 89 13.24 -15.99 -13.78
C PHE A 89 14.56 -16.09 -13.04
N ARG A 90 15.30 -17.15 -13.31
CA ARG A 90 16.60 -17.38 -12.67
C ARG A 90 17.57 -16.27 -13.05
N VAL A 91 17.39 -15.71 -14.24
CA VAL A 91 18.25 -14.62 -14.72
C VAL A 91 17.94 -13.35 -13.94
N PHE A 92 16.66 -13.11 -13.66
CA PHE A 92 16.24 -11.93 -12.91
C PHE A 92 16.52 -12.05 -11.41
N ASP A 93 16.23 -13.22 -10.83
CA ASP A 93 16.44 -13.43 -9.40
C ASP A 93 17.89 -13.75 -9.10
N LYS A 94 18.75 -12.74 -9.22
CA LYS A 94 20.19 -12.90 -9.00
C LYS A 94 20.61 -13.69 -7.77
N ASP A 95 20.18 -13.28 -6.58
CA ASP A 95 20.59 -14.01 -5.38
C ASP A 95 19.81 -15.31 -5.18
N GLY A 96 18.92 -15.60 -6.13
CA GLY A 96 18.13 -16.80 -6.07
C GLY A 96 17.30 -16.98 -4.80
N ASN A 97 16.88 -15.90 -4.17
CA ASN A 97 16.08 -16.01 -2.95
C ASN A 97 14.60 -16.23 -3.25
N GLY A 98 14.29 -16.41 -4.54
CA GLY A 98 12.93 -16.66 -4.96
C GLY A 98 12.09 -15.42 -5.21
N TYR A 99 12.70 -14.26 -5.07
CA TYR A 99 11.99 -13.00 -5.28
C TYR A 99 12.77 -12.06 -6.18
N ILE A 100 12.16 -11.59 -7.25
CA ILE A 100 12.84 -10.64 -8.12
C ILE A 100 12.59 -9.28 -7.46
N SER A 101 13.65 -8.65 -6.95
CA SER A 101 13.54 -7.34 -6.33
C SER A 101 13.68 -6.27 -7.40
N ALA A 102 13.39 -5.02 -7.02
CA ALA A 102 13.48 -3.91 -7.96
C ALA A 102 14.94 -3.68 -8.35
N ALA A 103 15.83 -3.75 -7.36
CA ALA A 103 17.25 -3.56 -7.61
C ALA A 103 17.80 -4.66 -8.53
N GLU A 104 17.34 -5.90 -8.34
CA GLU A 104 17.81 -7.00 -9.18
C GLU A 104 17.35 -6.81 -10.61
N LEU A 105 16.11 -6.35 -10.77
CA LEU A 105 15.59 -6.13 -12.12
C LEU A 105 16.40 -5.04 -12.79
N ARG A 106 16.70 -3.99 -12.03
CA ARG A 106 17.47 -2.89 -12.58
C ARG A 106 18.88 -3.30 -12.97
N HIS A 107 19.58 -3.99 -12.06
CA HIS A 107 20.95 -4.42 -12.34
C HIS A 107 21.01 -5.37 -13.53
N VAL A 108 20.06 -6.30 -13.59
CA VAL A 108 20.01 -7.27 -14.67
C VAL A 108 19.84 -6.60 -16.03
N THR A 110 20.37 -3.54 -16.87
CA THR A 110 21.52 -2.69 -17.18
C THR A 110 22.61 -3.59 -17.76
N ASN A 111 22.87 -4.71 -17.10
CA ASN A 111 23.87 -5.68 -17.55
C ASN A 111 23.61 -6.16 -18.97
N LEU A 112 22.33 -6.21 -19.36
CA LEU A 112 21.97 -6.66 -20.70
C LEU A 112 21.93 -5.51 -21.69
N GLY A 113 22.13 -4.29 -21.21
CA GLY A 113 22.13 -3.14 -22.09
C GLY A 113 20.92 -2.22 -22.03
N GLU A 114 19.91 -2.61 -21.26
CA GLU A 114 18.71 -1.78 -21.13
C GLU A 114 18.77 -1.01 -19.82
N LYS A 115 19.28 0.21 -19.87
CA LYS A 115 19.38 1.03 -18.66
C LYS A 115 18.03 1.64 -18.33
N LEU A 116 17.53 1.33 -17.13
CA LEU A 116 16.24 1.82 -16.67
C LEU A 116 16.36 2.56 -15.33
N THR A 117 15.50 3.55 -15.13
CA THR A 117 15.50 4.34 -13.91
C THR A 117 14.86 3.55 -12.76
N ASP A 118 15.07 4.01 -11.53
CA ASP A 118 14.48 3.36 -10.37
C ASP A 118 12.96 3.48 -10.44
N GLU A 119 12.48 4.59 -10.99
CA GLU A 119 11.05 4.81 -11.13
C GLU A 119 10.47 3.80 -12.11
N GLU A 120 11.13 3.65 -13.26
CA GLU A 120 10.69 2.71 -14.29
C GLU A 120 10.65 1.28 -13.78
N VAL A 121 11.74 0.85 -13.15
CA VAL A 121 11.81 -0.50 -12.61
C VAL A 121 10.74 -0.72 -11.55
N ASP A 122 10.56 0.26 -10.67
CA ASP A 122 9.54 0.15 -9.63
C ASP A 122 8.18 -0.07 -10.31
N GLU A 123 7.98 0.60 -11.43
CA GLU A 123 6.73 0.48 -12.16
C GLU A 123 6.57 -0.92 -12.77
N ILE A 125 7.88 -3.75 -11.74
CA ILE A 125 7.60 -4.67 -10.63
C ILE A 125 6.10 -4.61 -10.31
N ARG A 126 5.56 -3.40 -10.24
CA ARG A 126 4.16 -3.22 -9.92
C ARG A 126 3.24 -3.86 -10.97
N GLU A 127 3.72 -3.94 -12.21
CA GLU A 127 2.94 -4.54 -13.28
C GLU A 127 2.75 -6.05 -13.11
N ALA A 128 3.69 -6.69 -12.42
CA ALA A 128 3.61 -8.13 -12.21
C ALA A 128 3.31 -8.51 -10.76
N ASP A 129 3.53 -7.57 -9.84
CA ASP A 129 3.29 -7.84 -8.43
C ASP A 129 1.81 -8.12 -8.23
N ILE A 130 1.51 -9.20 -7.51
CA ILE A 130 0.11 -9.55 -7.25
C ILE A 130 -0.21 -9.40 -5.76
N ASP A 131 0.70 -9.82 -4.89
CA ASP A 131 0.47 -9.72 -3.46
C ASP A 131 0.95 -8.39 -2.87
N GLY A 132 1.30 -7.47 -3.75
CA GLY A 132 1.76 -6.15 -3.33
C GLY A 132 2.88 -6.04 -2.32
N ASP A 133 3.89 -6.90 -2.41
CA ASP A 133 5.02 -6.82 -1.49
C ASP A 133 6.18 -6.12 -2.17
N GLY A 134 5.92 -5.57 -3.35
CA GLY A 134 6.95 -4.87 -4.09
C GLY A 134 8.03 -5.77 -4.69
N GLN A 135 7.73 -7.05 -4.84
CA GLN A 135 8.68 -8.01 -5.42
C GLN A 135 7.92 -9.01 -6.25
N VAL A 136 8.63 -9.68 -7.15
CA VAL A 136 8.01 -10.68 -8.01
C VAL A 136 8.54 -12.07 -7.76
N ASN A 137 7.66 -12.96 -7.29
CA ASN A 137 8.04 -14.33 -7.02
C ASN A 137 7.77 -15.16 -8.28
N TYR A 138 8.25 -16.40 -8.29
CA TYR A 138 8.08 -17.26 -9.46
C TYR A 138 6.64 -17.37 -9.93
N GLU A 139 5.71 -17.57 -9.00
CA GLU A 139 4.29 -17.70 -9.37
C GLU A 139 3.77 -16.46 -10.09
N GLU A 140 4.14 -15.28 -9.59
CA GLU A 140 3.68 -14.03 -10.22
C GLU A 140 4.34 -13.87 -11.60
N PHE A 141 5.61 -14.21 -11.67
CA PHE A 141 6.36 -14.12 -12.92
C PHE A 141 5.69 -15.01 -13.97
N VAL A 142 5.45 -16.27 -13.61
CA VAL A 142 4.80 -17.21 -14.52
C VAL A 142 3.43 -16.69 -14.97
N GLN A 143 2.72 -16.04 -14.05
CA GLN A 143 1.40 -15.50 -14.37
C GLN A 143 1.52 -14.45 -15.47
N THR A 146 2.46 -15.99 -18.96
CA THR A 146 1.49 -16.89 -19.56
C THR A 146 0.11 -16.27 -19.79
N ALA A 147 -0.12 -15.08 -19.25
CA ALA A 147 -1.42 -14.42 -19.40
C ALA A 147 -1.56 -13.80 -20.79
N ARG B 1 5.86 1.78 -26.68
CA ARG B 1 6.84 2.90 -26.61
C ARG B 1 7.74 2.73 -25.38
N LYS B 2 7.22 3.05 -24.20
CA LYS B 2 8.00 2.87 -22.99
C LYS B 2 7.88 1.39 -22.65
N LYS B 3 8.95 0.81 -22.16
CA LYS B 3 8.98 -0.62 -21.87
C LYS B 3 8.16 -1.09 -20.68
N THR B 4 7.59 -2.28 -20.83
CA THR B 4 6.80 -2.93 -19.77
C THR B 4 7.62 -4.13 -19.30
N PHE B 5 7.29 -4.67 -18.14
CA PHE B 5 8.03 -5.82 -17.63
C PHE B 5 7.84 -6.99 -18.60
N LYS B 6 6.60 -7.20 -19.03
CA LYS B 6 6.27 -8.30 -19.94
C LYS B 6 7.18 -8.30 -21.17
N GLU B 7 7.30 -7.14 -21.82
CA GLU B 7 8.12 -7.01 -23.02
C GLU B 7 9.59 -7.35 -22.74
N VAL B 8 10.13 -6.75 -21.70
CA VAL B 8 11.51 -6.99 -21.30
C VAL B 8 11.78 -8.42 -20.83
N ALA B 9 10.84 -8.98 -20.07
CA ALA B 9 11.00 -10.33 -19.56
C ALA B 9 11.00 -11.32 -20.73
N ASN B 10 10.12 -11.11 -21.69
CA ASN B 10 10.06 -11.98 -22.84
C ASN B 10 11.33 -11.85 -23.68
N ALA B 11 11.89 -10.65 -23.73
CA ALA B 11 13.13 -10.45 -24.49
C ALA B 11 14.19 -11.35 -23.86
N VAL B 12 14.20 -11.41 -22.54
CA VAL B 12 15.17 -12.23 -21.83
C VAL B 12 14.86 -13.73 -22.02
N LYS B 13 13.58 -14.05 -22.07
CA LYS B 13 13.14 -15.43 -22.27
C LYS B 13 13.64 -15.87 -23.64
N ILE B 14 13.46 -15.00 -24.63
CA ILE B 14 13.91 -15.28 -25.97
C ILE B 14 15.42 -15.45 -25.97
N SER B 15 16.12 -14.45 -25.45
CA SER B 15 17.58 -14.47 -25.41
C SER B 15 18.17 -15.68 -24.68
N ALA B 16 17.51 -16.12 -23.61
CA ALA B 16 18.00 -17.24 -22.82
C ALA B 16 17.79 -18.60 -23.48
N SER B 17 17.07 -18.63 -24.60
CA SER B 17 16.83 -19.90 -25.27
C SER B 17 18.09 -20.38 -25.99
N LEU B 18 19.09 -19.52 -26.10
CA LEU B 18 20.35 -19.88 -26.75
C LEU B 18 21.23 -20.75 -25.84
N MET B 19 20.65 -21.22 -24.74
CA MET B 19 21.41 -22.03 -23.80
C MET B 19 20.92 -23.48 -23.80
N GLN C 3 -20.60 -19.25 -30.33
CA GLN C 3 -19.71 -19.75 -29.25
C GLN C 3 -19.65 -18.78 -28.08
N LEU C 4 -20.10 -17.54 -28.28
CA LEU C 4 -20.09 -16.57 -27.20
C LEU C 4 -21.11 -17.01 -26.15
N THR C 5 -20.68 -17.12 -24.90
CA THR C 5 -21.52 -17.58 -23.79
C THR C 5 -22.50 -16.55 -23.23
N GLU C 6 -23.36 -17.00 -22.31
CA GLU C 6 -24.33 -16.12 -21.69
C GLU C 6 -23.62 -15.16 -20.74
N GLU C 7 -22.67 -15.71 -19.98
CA GLU C 7 -21.88 -14.92 -19.06
C GLU C 7 -21.24 -13.75 -19.81
N GLN C 8 -20.73 -14.02 -21.01
CA GLN C 8 -20.09 -12.99 -21.82
C GLN C 8 -21.11 -11.95 -22.26
N ILE C 9 -22.22 -12.40 -22.83
CA ILE C 9 -23.25 -11.47 -23.29
C ILE C 9 -23.75 -10.60 -22.13
N ALA C 10 -23.89 -11.20 -20.95
CA ALA C 10 -24.35 -10.47 -19.77
C ALA C 10 -23.37 -9.35 -19.40
N GLU C 11 -22.08 -9.62 -19.58
CA GLU C 11 -21.06 -8.63 -19.27
C GLU C 11 -21.16 -7.47 -20.24
N PHE C 12 -21.30 -7.78 -21.52
CA PHE C 12 -21.41 -6.71 -22.50
C PHE C 12 -22.70 -5.94 -22.33
N LYS C 13 -23.77 -6.62 -21.92
CA LYS C 13 -25.05 -5.95 -21.73
C LYS C 13 -24.92 -4.99 -20.54
N GLU C 14 -24.24 -5.44 -19.49
CA GLU C 14 -24.04 -4.63 -18.29
C GLU C 14 -23.16 -3.42 -18.62
N ALA C 15 -22.08 -3.66 -19.38
CA ALA C 15 -21.19 -2.58 -19.78
C ALA C 15 -22.00 -1.53 -20.53
N PHE C 16 -22.81 -2.00 -21.47
CA PHE C 16 -23.67 -1.11 -22.25
C PHE C 16 -24.59 -0.25 -21.36
N SER C 17 -25.19 -0.88 -20.34
CA SER C 17 -26.11 -0.14 -19.46
C SER C 17 -25.42 0.91 -18.62
N LEU C 18 -24.14 0.72 -18.34
CA LEU C 18 -23.38 1.71 -17.57
C LEU C 18 -23.31 3.00 -18.39
N PHE C 19 -23.14 2.85 -19.70
CA PHE C 19 -23.08 4.00 -20.61
C PHE C 19 -24.48 4.54 -20.85
N ASP C 20 -25.39 3.65 -21.20
CA ASP C 20 -26.77 4.00 -21.48
C ASP C 20 -27.55 4.28 -20.19
N LYS C 21 -27.12 5.30 -19.46
CA LYS C 21 -27.73 5.70 -18.20
C LYS C 21 -29.26 5.77 -18.23
N ASP C 22 -29.82 6.48 -19.20
CA ASP C 22 -31.27 6.62 -19.30
C ASP C 22 -31.93 5.40 -19.92
N GLY C 23 -31.11 4.38 -20.21
CA GLY C 23 -31.61 3.15 -20.79
C GLY C 23 -32.61 3.34 -21.91
N ASP C 24 -32.21 4.03 -22.98
CA ASP C 24 -33.09 4.25 -24.11
C ASP C 24 -32.61 3.50 -25.35
N GLY C 25 -31.63 2.61 -25.14
CA GLY C 25 -31.12 1.78 -26.22
C GLY C 25 -29.94 2.35 -26.99
N THR C 26 -29.57 3.59 -26.71
CA THR C 26 -28.44 4.17 -27.41
C THR C 26 -27.47 4.89 -26.49
N ILE C 27 -26.26 5.16 -26.98
CA ILE C 27 -25.23 5.85 -26.20
C ILE C 27 -24.92 7.17 -26.90
N THR C 28 -25.32 8.27 -26.28
CA THR C 28 -25.09 9.60 -26.84
C THR C 28 -23.66 9.96 -26.49
N THR C 29 -23.14 11.03 -27.04
CA THR C 29 -21.77 11.33 -26.71
C THR C 29 -21.66 12.00 -25.34
N LYS C 30 -22.80 12.43 -24.79
CA LYS C 30 -22.82 12.99 -23.45
C LYS C 30 -22.69 11.77 -22.53
N GLU C 31 -23.45 10.71 -22.82
CA GLU C 31 -23.40 9.48 -22.01
C GLU C 31 -22.03 8.84 -22.08
N LEU C 32 -21.42 8.93 -23.26
CA LEU C 32 -20.10 8.36 -23.48
C LEU C 32 -19.06 9.09 -22.62
N GLY C 33 -19.14 10.42 -22.63
CA GLY C 33 -18.20 11.22 -21.85
C GLY C 33 -18.39 11.09 -20.35
N THR C 34 -19.63 10.89 -19.93
CA THR C 34 -19.92 10.75 -18.50
C THR C 34 -19.17 9.53 -17.94
N VAL C 35 -19.27 8.41 -18.64
CA VAL C 35 -18.60 7.19 -18.19
C VAL C 35 -17.08 7.34 -18.26
N ARG C 37 -15.31 9.95 -18.06
CA ARG C 37 -14.82 10.90 -17.07
C ARG C 37 -14.77 10.25 -15.70
N SER C 38 -15.89 9.72 -15.23
CA SER C 38 -15.86 9.09 -13.93
C SER C 38 -14.96 7.86 -13.94
N LEU C 39 -14.27 7.64 -15.05
CA LEU C 39 -13.35 6.52 -15.21
C LEU C 39 -11.90 7.00 -15.24
N GLY C 40 -11.68 8.30 -15.08
CA GLY C 40 -10.33 8.83 -15.12
C GLY C 40 -9.81 9.38 -16.44
N GLN C 41 -10.68 9.55 -17.43
CA GLN C 41 -10.31 10.08 -18.77
C GLN C 41 -10.96 11.49 -18.93
N ASN C 42 -10.44 12.33 -19.85
CA ASN C 42 -11.00 13.69 -20.05
C ASN C 42 -11.16 14.13 -21.50
N PRO C 43 -12.10 13.49 -22.22
CA PRO C 43 -12.45 13.71 -23.61
C PRO C 43 -13.24 14.93 -23.99
N THR C 44 -12.92 15.41 -25.18
CA THR C 44 -13.59 16.55 -25.71
C THR C 44 -14.70 15.98 -26.55
N GLU C 45 -15.69 16.83 -26.70
CA GLU C 45 -16.82 16.59 -27.51
C GLU C 45 -16.24 16.10 -28.81
N ALA C 46 -15.18 16.75 -29.28
CA ALA C 46 -14.58 16.36 -30.55
C ALA C 46 -14.15 14.90 -30.55
N GLU C 47 -13.31 14.52 -29.59
CA GLU C 47 -12.83 13.13 -29.50
C GLU C 47 -13.98 12.16 -29.40
N LEU C 48 -14.96 12.49 -28.56
CA LEU C 48 -16.13 11.65 -28.36
C LEU C 48 -16.92 11.45 -29.65
N GLN C 49 -17.07 12.51 -30.42
CA GLN C 49 -17.80 12.43 -31.67
C GLN C 49 -17.04 11.57 -32.67
N ASP C 50 -15.73 11.70 -32.70
CA ASP C 50 -14.93 10.90 -33.61
C ASP C 50 -14.98 9.43 -33.23
N ILE C 52 -17.52 7.89 -31.96
CA ILE C 52 -18.81 7.41 -32.42
C ILE C 52 -18.87 7.28 -33.95
N ASN C 53 -18.29 8.26 -34.65
CA ASN C 53 -18.29 8.25 -36.11
C ASN C 53 -17.65 6.98 -36.65
N GLU C 54 -16.68 6.45 -35.93
CA GLU C 54 -15.98 5.26 -36.37
C GLU C 54 -16.78 3.93 -36.24
N VAL C 55 -17.93 3.94 -35.56
CA VAL C 55 -18.76 2.75 -35.44
C VAL C 55 -20.22 3.09 -35.67
N ASP C 56 -20.50 4.35 -35.93
CA ASP C 56 -21.88 4.76 -36.15
C ASP C 56 -22.29 4.28 -37.52
N ALA C 57 -22.60 3.00 -37.56
CA ALA C 57 -22.99 2.30 -38.77
C ALA C 57 -24.27 2.79 -39.43
N ASP C 58 -25.34 3.03 -38.67
CA ASP C 58 -26.59 3.49 -39.27
C ASP C 58 -26.52 4.99 -39.44
N GLY C 59 -25.31 5.52 -39.28
CA GLY C 59 -25.09 6.94 -39.42
C GLY C 59 -26.05 7.86 -38.68
N ASN C 60 -26.69 7.37 -37.62
CA ASN C 60 -27.64 8.17 -36.86
C ASN C 60 -26.97 9.02 -35.77
N GLY C 61 -25.65 9.03 -35.76
CA GLY C 61 -24.91 9.82 -34.79
C GLY C 61 -24.75 9.28 -33.37
N THR C 62 -25.42 8.18 -33.06
CA THR C 62 -25.31 7.58 -31.73
C THR C 62 -24.91 6.12 -31.84
N ILE C 63 -24.70 5.46 -30.70
CA ILE C 63 -24.28 4.07 -30.69
C ILE C 63 -25.33 3.13 -30.09
N ASP C 64 -25.78 2.16 -30.89
CA ASP C 64 -26.74 1.20 -30.40
C ASP C 64 -25.95 -0.01 -29.93
N PHE C 65 -26.62 -1.11 -29.57
CA PHE C 65 -25.90 -2.27 -29.05
C PHE C 65 -24.85 -2.90 -29.97
N PRO C 66 -25.21 -3.23 -31.23
CA PRO C 66 -24.20 -3.84 -32.10
C PRO C 66 -23.00 -2.93 -32.39
N GLU C 67 -23.25 -1.62 -32.51
CA GLU C 67 -22.17 -0.67 -32.77
C GLU C 67 -21.26 -0.57 -31.53
N PHE C 68 -21.85 -0.79 -30.36
CA PHE C 68 -21.10 -0.75 -29.11
C PHE C 68 -20.20 -1.97 -29.11
N LEU C 69 -20.76 -3.13 -29.45
CA LEU C 69 -20.01 -4.37 -29.51
C LEU C 69 -18.83 -4.23 -30.48
N THR C 70 -19.08 -3.56 -31.60
CA THR C 70 -18.04 -3.35 -32.60
C THR C 70 -16.92 -2.48 -32.01
N ALA C 73 -14.96 -4.35 -29.53
CA ALA C 73 -14.22 -5.40 -30.22
C ALA C 73 -12.91 -4.87 -30.80
N ARG C 74 -12.95 -3.62 -31.26
CA ARG C 74 -11.75 -3.00 -31.83
C ARG C 74 -10.79 -2.53 -30.75
N LYS C 75 -11.31 -1.98 -29.68
CA LYS C 75 -10.48 -1.47 -28.59
C LYS C 75 -9.77 -2.54 -27.79
N LYS C 77 -9.13 -5.63 -29.09
CA LYS C 77 -8.47 -6.54 -30.03
C LYS C 77 -6.98 -6.74 -29.78
N ASP C 78 -6.31 -5.74 -29.20
CA ASP C 78 -4.88 -5.89 -28.91
C ASP C 78 -4.49 -5.36 -27.54
N THR C 79 -4.98 -6.03 -26.51
CA THR C 79 -4.69 -5.67 -25.14
C THR C 79 -4.58 -6.97 -24.35
N ASP C 80 -3.61 -7.03 -23.44
CA ASP C 80 -3.46 -8.23 -22.63
C ASP C 80 -4.56 -8.24 -21.60
N SER C 81 -5.25 -9.37 -21.50
CA SER C 81 -6.33 -9.53 -20.54
C SER C 81 -5.82 -9.06 -19.18
N GLU C 82 -4.66 -9.59 -18.79
CA GLU C 82 -4.06 -9.26 -17.51
C GLU C 82 -3.96 -7.74 -17.28
N GLU C 83 -3.64 -7.00 -18.34
CA GLU C 83 -3.51 -5.55 -18.22
C GLU C 83 -4.87 -4.89 -18.00
N GLU C 84 -5.89 -5.39 -18.70
CA GLU C 84 -7.25 -4.87 -18.57
C GLU C 84 -7.80 -5.16 -17.19
N ILE C 85 -7.50 -6.36 -16.68
CA ILE C 85 -7.93 -6.79 -15.37
C ILE C 85 -7.31 -5.89 -14.30
N ARG C 86 -6.03 -5.61 -14.45
CA ARG C 86 -5.33 -4.76 -13.50
C ARG C 86 -5.96 -3.38 -13.55
N GLU C 87 -6.31 -2.94 -14.75
CA GLU C 87 -6.93 -1.63 -14.93
C GLU C 87 -8.30 -1.62 -14.23
N ALA C 88 -9.08 -2.68 -14.44
CA ALA C 88 -10.39 -2.79 -13.82
C ALA C 88 -10.27 -2.69 -12.28
N PHE C 89 -9.32 -3.44 -11.71
CA PHE C 89 -9.10 -3.43 -10.26
C PHE C 89 -8.78 -2.03 -9.75
N ARG C 90 -7.97 -1.30 -10.51
CA ARG C 90 -7.59 0.06 -10.14
C ARG C 90 -8.78 1.01 -10.15
N VAL C 91 -9.80 0.68 -10.95
CA VAL C 91 -11.00 1.50 -10.99
C VAL C 91 -11.79 1.30 -9.69
N PHE C 92 -11.89 0.06 -9.23
CA PHE C 92 -12.62 -0.24 -7.99
C PHE C 92 -11.84 0.21 -6.76
N ASP C 93 -10.52 0.05 -6.80
CA ASP C 93 -9.67 0.40 -5.68
C ASP C 93 -9.31 1.88 -5.70
N LYS C 94 -10.31 2.72 -5.43
CA LYS C 94 -10.17 4.15 -5.45
C LYS C 94 -9.01 4.76 -4.66
N ASP C 95 -8.81 4.35 -3.42
CA ASP C 95 -7.72 4.95 -2.66
C ASP C 95 -6.36 4.27 -2.97
N GLY C 96 -6.39 3.32 -3.90
CA GLY C 96 -5.18 2.61 -4.29
C GLY C 96 -4.42 1.86 -3.20
N ASN C 97 -5.09 1.46 -2.12
CA ASN C 97 -4.37 0.74 -1.06
C ASN C 97 -4.22 -0.77 -1.32
N GLY C 98 -4.71 -1.22 -2.47
CA GLY C 98 -4.60 -2.63 -2.79
C GLY C 98 -5.76 -3.52 -2.33
N TYR C 99 -6.80 -2.92 -1.75
CA TYR C 99 -7.95 -3.68 -1.27
C TYR C 99 -9.25 -3.02 -1.69
N ILE C 100 -10.17 -3.77 -2.29
CA ILE C 100 -11.45 -3.19 -2.66
C ILE C 100 -12.37 -3.38 -1.44
N SER C 101 -12.79 -2.26 -0.84
CA SER C 101 -13.67 -2.29 0.32
C SER C 101 -15.10 -2.30 -0.16
N ALA C 102 -16.04 -2.57 0.75
CA ALA C 102 -17.46 -2.56 0.40
C ALA C 102 -17.83 -1.15 -0.03
N ALA C 103 -17.31 -0.16 0.69
CA ALA C 103 -17.59 1.24 0.39
C ALA C 103 -17.16 1.61 -1.03
N GLU C 104 -15.96 1.20 -1.41
CA GLU C 104 -15.45 1.50 -2.74
C GLU C 104 -16.30 0.83 -3.82
N LEU C 105 -16.60 -0.45 -3.63
CA LEU C 105 -17.39 -1.18 -4.60
C LEU C 105 -18.73 -0.47 -4.83
N ARG C 106 -19.40 -0.13 -3.74
CA ARG C 106 -20.69 0.54 -3.84
C ARG C 106 -20.60 1.93 -4.48
N HIS C 107 -19.57 2.69 -4.11
CA HIS C 107 -19.37 4.04 -4.62
C HIS C 107 -19.06 4.04 -6.11
N VAL C 108 -18.19 3.12 -6.53
CA VAL C 108 -17.83 3.02 -7.93
C VAL C 108 -19.00 2.63 -8.81
N THR C 110 -22.19 2.87 -8.18
CA THR C 110 -23.19 3.93 -8.11
C THR C 110 -22.83 5.05 -9.09
N ASN C 111 -21.59 5.50 -9.05
CA ASN C 111 -21.17 6.56 -9.96
C ASN C 111 -21.27 6.13 -11.42
N LEU C 112 -21.20 4.82 -11.65
CA LEU C 112 -21.30 4.28 -13.00
C LEU C 112 -22.73 4.04 -13.48
N GLY C 113 -23.70 4.21 -12.58
CA GLY C 113 -25.09 4.02 -12.95
C GLY C 113 -25.74 2.78 -12.38
N GLU C 114 -24.95 1.94 -11.74
CA GLU C 114 -25.47 0.72 -11.15
C GLU C 114 -25.62 0.92 -9.65
N LYS C 115 -26.85 1.20 -9.21
CA LYS C 115 -27.11 1.40 -7.79
C LYS C 115 -27.37 0.08 -7.07
N LEU C 116 -26.46 -0.27 -6.16
CA LEU C 116 -26.59 -1.51 -5.38
C LEU C 116 -26.86 -1.17 -3.92
N THR C 117 -27.39 -2.14 -3.18
CA THR C 117 -27.65 -1.94 -1.77
C THR C 117 -26.42 -2.48 -1.02
N ASP C 118 -26.28 -2.11 0.24
CA ASP C 118 -25.15 -2.60 1.03
C ASP C 118 -25.22 -4.11 1.03
N GLU C 119 -26.44 -4.63 1.07
CA GLU C 119 -26.68 -6.06 1.08
C GLU C 119 -26.07 -6.72 -0.17
N GLU C 120 -26.37 -6.18 -1.33
CA GLU C 120 -25.87 -6.72 -2.57
C GLU C 120 -24.35 -6.59 -2.69
N VAL C 121 -23.81 -5.46 -2.25
CA VAL C 121 -22.37 -5.23 -2.30
C VAL C 121 -21.65 -6.24 -1.39
N ASP C 122 -22.17 -6.40 -0.17
CA ASP C 122 -21.55 -7.32 0.77
C ASP C 122 -21.52 -8.72 0.17
N GLU C 123 -22.60 -9.09 -0.53
CA GLU C 123 -22.67 -10.39 -1.16
C GLU C 123 -21.65 -10.46 -2.29
N ILE C 125 -18.79 -8.86 -2.44
CA ILE C 125 -17.48 -9.01 -1.82
C ILE C 125 -17.26 -10.47 -1.43
N ARG C 126 -18.29 -11.08 -0.83
CA ARG C 126 -18.24 -12.47 -0.40
C ARG C 126 -17.87 -13.39 -1.56
N GLU C 127 -18.34 -13.03 -2.75
CA GLU C 127 -18.07 -13.82 -3.94
C GLU C 127 -16.59 -14.05 -4.22
N ALA C 128 -15.76 -13.04 -3.99
CA ALA C 128 -14.33 -13.15 -4.25
C ALA C 128 -13.43 -13.08 -3.03
N ASP C 129 -14.02 -12.82 -1.88
CA ASP C 129 -13.25 -12.69 -0.66
C ASP C 129 -12.83 -14.02 -0.07
N ILE C 130 -11.69 -14.53 -0.53
CA ILE C 130 -11.18 -15.80 -0.07
C ILE C 130 -10.72 -15.83 1.39
N ASP C 131 -9.97 -14.81 1.82
CA ASP C 131 -9.50 -14.81 3.21
C ASP C 131 -10.46 -14.26 4.26
N GLY C 132 -11.66 -13.86 3.85
CA GLY C 132 -12.65 -13.35 4.80
C GLY C 132 -12.42 -12.02 5.51
N ASP C 133 -11.50 -11.19 5.01
CA ASP C 133 -11.26 -9.89 5.65
C ASP C 133 -12.33 -8.86 5.23
N GLY C 134 -13.31 -9.31 4.46
CA GLY C 134 -14.37 -8.41 4.01
C GLY C 134 -13.95 -7.47 2.90
N GLN C 135 -12.83 -7.79 2.25
CA GLN C 135 -12.31 -6.97 1.17
C GLN C 135 -11.81 -7.87 0.05
N VAL C 136 -11.66 -7.30 -1.14
CA VAL C 136 -11.15 -8.08 -2.25
C VAL C 136 -9.78 -7.51 -2.64
N ASN C 137 -8.71 -8.25 -2.33
CA ASN C 137 -7.38 -7.76 -2.67
C ASN C 137 -7.11 -8.12 -4.13
N TYR C 138 -5.99 -7.68 -4.67
CA TYR C 138 -5.71 -7.95 -6.06
C TYR C 138 -5.63 -9.45 -6.42
N GLU C 139 -5.00 -10.25 -5.56
CA GLU C 139 -4.90 -11.68 -5.83
C GLU C 139 -6.30 -12.29 -5.94
N GLU C 140 -7.20 -11.89 -5.05
CA GLU C 140 -8.57 -12.42 -5.07
C GLU C 140 -9.32 -11.94 -6.33
N PHE C 141 -9.06 -10.70 -6.72
CA PHE C 141 -9.68 -10.13 -7.91
C PHE C 141 -9.25 -10.95 -9.13
N VAL C 142 -7.94 -11.16 -9.25
CA VAL C 142 -7.39 -11.93 -10.37
C VAL C 142 -7.93 -13.35 -10.40
N GLN C 143 -8.09 -13.98 -9.24
CA GLN C 143 -8.62 -15.33 -9.19
C GLN C 143 -10.04 -15.38 -9.75
N THR C 146 -10.06 -14.65 -13.64
CA THR C 146 -9.47 -15.64 -14.53
C THR C 146 -10.18 -16.99 -14.39
N ALA C 147 -11.47 -16.93 -14.07
CA ALA C 147 -12.30 -18.12 -13.91
C ALA C 147 -11.57 -19.22 -13.18
N ARG D 1 -33.09 -11.20 -10.23
CA ARG D 1 -32.10 -10.92 -11.29
C ARG D 1 -30.92 -10.16 -10.68
N LYS D 2 -30.41 -10.63 -9.55
CA LYS D 2 -29.30 -9.94 -8.90
C LYS D 2 -27.99 -10.20 -9.63
N LYS D 3 -27.26 -9.12 -9.89
CA LYS D 3 -25.99 -9.21 -10.59
C LYS D 3 -24.88 -9.74 -9.71
N THR D 4 -23.91 -10.41 -10.33
CA THR D 4 -22.76 -10.97 -9.63
C THR D 4 -21.60 -9.97 -9.71
N PHE D 5 -20.58 -10.18 -8.87
CA PHE D 5 -19.42 -9.31 -8.87
C PHE D 5 -18.67 -9.51 -10.19
N LYS D 6 -18.50 -10.77 -10.59
CA LYS D 6 -17.79 -11.05 -11.83
C LYS D 6 -18.40 -10.32 -13.01
N GLU D 7 -19.72 -10.23 -13.05
CA GLU D 7 -20.41 -9.55 -14.15
C GLU D 7 -20.08 -8.07 -14.20
N VAL D 8 -20.25 -7.37 -13.08
CA VAL D 8 -19.98 -5.95 -13.05
C VAL D 8 -18.49 -5.66 -13.20
N ALA D 9 -17.65 -6.54 -12.65
CA ALA D 9 -16.20 -6.37 -12.74
C ALA D 9 -15.74 -6.45 -14.21
N ASN D 10 -16.30 -7.41 -14.95
CA ASN D 10 -15.95 -7.53 -16.35
C ASN D 10 -16.56 -6.39 -17.17
N ALA D 11 -17.70 -5.90 -16.73
CA ALA D 11 -18.36 -4.78 -17.42
C ALA D 11 -17.46 -3.56 -17.27
N VAL D 12 -16.83 -3.44 -16.11
CA VAL D 12 -15.91 -2.34 -15.85
C VAL D 12 -14.64 -2.58 -16.67
N LYS D 13 -14.19 -3.83 -16.72
CA LYS D 13 -12.99 -4.19 -17.49
C LYS D 13 -13.21 -3.80 -18.94
N ILE D 14 -14.38 -4.12 -19.47
CA ILE D 14 -14.72 -3.81 -20.85
C ILE D 14 -14.75 -2.28 -21.06
N SER D 15 -15.45 -1.58 -20.18
CA SER D 15 -15.57 -0.12 -20.30
C SER D 15 -14.25 0.63 -20.23
N ALA D 16 -13.36 0.19 -19.36
CA ALA D 16 -12.06 0.85 -19.20
C ALA D 16 -11.15 0.61 -20.41
N SER D 17 -11.53 -0.34 -21.27
CA SER D 17 -10.73 -0.66 -22.45
C SER D 17 -10.59 0.45 -23.48
N LEU D 18 -11.45 1.47 -23.42
CA LEU D 18 -11.31 2.57 -24.37
C LEU D 18 -10.25 3.54 -23.87
N MET D 19 -9.12 2.98 -23.44
CA MET D 19 -8.00 3.76 -22.92
C MET D 19 -6.68 3.10 -23.30
N GLN E 3 18.06 2.40 35.83
CA GLN E 3 19.50 2.44 35.47
C GLN E 3 19.71 2.55 33.95
N LEU E 4 20.67 3.38 33.55
CA LEU E 4 20.97 3.59 32.14
C LEU E 4 21.62 2.31 31.60
N THR E 5 21.15 1.85 30.43
CA THR E 5 21.71 0.65 29.83
C THR E 5 22.65 0.97 28.67
N GLU E 6 23.48 0.00 28.31
CA GLU E 6 24.42 0.18 27.21
C GLU E 6 23.68 0.44 25.91
N GLU E 7 22.53 -0.21 25.74
CA GLU E 7 21.73 -0.01 24.55
C GLU E 7 21.23 1.41 24.49
N GLN E 8 20.68 1.90 25.60
CA GLN E 8 20.18 3.27 25.66
C GLN E 8 21.25 4.27 25.25
N ILE E 9 22.37 4.28 25.96
CA ILE E 9 23.41 5.25 25.63
C ILE E 9 23.92 5.09 24.21
N ALA E 10 24.01 3.85 23.74
CA ALA E 10 24.45 3.60 22.37
C ALA E 10 23.45 4.30 21.43
N GLU E 11 22.15 4.23 21.77
CA GLU E 11 21.12 4.86 20.95
C GLU E 11 21.23 6.39 21.02
N PHE E 12 21.46 6.93 22.21
CA PHE E 12 21.57 8.38 22.37
C PHE E 12 22.78 8.92 21.62
N LYS E 13 23.89 8.21 21.72
CA LYS E 13 25.13 8.61 21.05
C LYS E 13 24.88 8.63 19.55
N GLU E 14 24.28 7.56 19.03
CA GLU E 14 24.00 7.48 17.60
C GLU E 14 23.07 8.62 17.15
N ALA E 15 22.07 8.93 17.96
CA ALA E 15 21.15 10.02 17.64
C ALA E 15 21.95 11.33 17.56
N PHE E 16 22.76 11.59 18.58
CA PHE E 16 23.59 12.79 18.62
C PHE E 16 24.44 12.86 17.36
N SER E 17 25.00 11.73 16.98
CA SER E 17 25.84 11.66 15.79
C SER E 17 25.08 12.01 14.51
N LEU E 18 23.80 11.64 14.44
CA LEU E 18 22.99 11.95 13.27
C LEU E 18 22.91 13.46 13.08
N PHE E 19 22.84 14.19 14.18
CA PHE E 19 22.77 15.64 14.14
C PHE E 19 24.15 16.26 13.92
N ASP E 20 25.15 15.67 14.56
CA ASP E 20 26.52 16.16 14.47
C ASP E 20 27.25 15.47 13.32
N LYS E 21 27.00 15.97 12.11
CA LYS E 21 27.58 15.39 10.91
C LYS E 21 29.07 15.64 10.70
N ASP E 22 29.58 16.76 11.20
CA ASP E 22 31.00 17.04 11.06
C ASP E 22 31.72 16.39 12.25
N GLY E 23 30.99 15.57 12.98
CA GLY E 23 31.52 14.87 14.13
C GLY E 23 32.47 15.67 15.00
N ASP E 24 32.14 16.94 15.24
CA ASP E 24 33.00 17.79 16.06
C ASP E 24 32.69 17.66 17.54
N GLY E 25 31.44 17.35 17.87
CA GLY E 25 31.06 17.20 19.26
C GLY E 25 29.95 18.15 19.67
N THR E 26 29.51 18.98 18.74
CA THR E 26 28.45 19.93 19.02
C THR E 26 27.43 19.96 17.90
N ILE E 27 26.22 20.40 18.21
CA ILE E 27 25.15 20.49 17.23
C ILE E 27 24.79 21.97 17.07
N THR E 28 24.88 22.47 15.85
CA THR E 28 24.58 23.87 15.56
C THR E 28 23.15 24.03 15.07
N THR E 29 22.67 25.27 15.04
CA THR E 29 21.32 25.56 14.58
C THR E 29 21.10 25.02 13.18
N LYS E 30 22.15 25.03 12.37
CA LYS E 30 22.05 24.54 11.00
C LYS E 30 21.89 23.02 11.02
N GLU E 31 22.75 22.34 11.76
CA GLU E 31 22.69 20.89 11.84
C GLU E 31 21.31 20.43 12.28
N LEU E 32 20.71 21.16 13.22
CA LEU E 32 19.37 20.83 13.69
C LEU E 32 18.39 21.04 12.54
N GLY E 33 18.53 22.17 11.87
CA GLY E 33 17.66 22.48 10.75
C GLY E 33 17.76 21.42 9.67
N THR E 34 18.99 21.10 9.26
CA THR E 34 19.22 20.10 8.23
C THR E 34 18.51 18.78 8.54
N VAL E 35 18.89 18.18 9.66
CA VAL E 35 18.30 16.90 10.08
C VAL E 35 16.78 16.86 10.06
N ARG E 37 14.66 18.88 9.00
CA ARG E 37 14.03 19.44 7.82
C ARG E 37 13.85 18.33 6.78
N SER E 38 14.74 17.35 6.81
CA SER E 38 14.67 16.22 5.89
C SER E 38 13.70 15.18 6.44
N LEU E 39 13.45 15.24 7.75
CA LEU E 39 12.53 14.32 8.39
C LEU E 39 11.09 14.77 8.25
N GLY E 40 10.88 15.81 7.44
CA GLY E 40 9.54 16.32 7.23
C GLY E 40 9.13 17.38 8.23
N GLN E 41 9.97 18.39 8.41
CA GLN E 41 9.70 19.48 9.34
C GLN E 41 9.96 20.83 8.67
N ASN E 42 9.24 21.86 9.12
CA ASN E 42 9.39 23.20 8.58
C ASN E 42 9.61 24.22 9.69
N PRO E 43 10.71 24.06 10.46
CA PRO E 43 11.02 24.98 11.57
C PRO E 43 11.69 26.29 11.12
N THR E 44 11.28 27.39 11.75
CA THR E 44 11.87 28.70 11.44
C THR E 44 13.14 28.89 12.25
N GLU E 45 14.02 29.77 11.78
CA GLU E 45 15.27 30.01 12.48
C GLU E 45 15.00 30.35 13.95
N ALA E 46 13.98 31.16 14.19
CA ALA E 46 13.62 31.56 15.54
C ALA E 46 13.39 30.33 16.43
N GLU E 47 12.57 29.40 15.95
CA GLU E 47 12.27 28.19 16.69
C GLU E 47 13.52 27.33 16.89
N LEU E 48 14.34 27.23 15.85
CA LEU E 48 15.57 26.44 15.96
C LEU E 48 16.41 27.05 17.07
N GLN E 49 16.60 28.36 17.00
CA GLN E 49 17.37 29.07 18.00
C GLN E 49 16.72 28.87 19.36
N ASP E 50 15.38 28.84 19.39
CA ASP E 50 14.66 28.63 20.65
C ASP E 50 15.01 27.26 21.19
N ILE E 52 17.83 25.39 20.77
CA ILE E 52 19.15 25.39 21.38
C ILE E 52 19.10 26.20 22.68
N ASN E 53 18.67 27.45 22.56
CA ASN E 53 18.57 28.36 23.70
C ASN E 53 17.91 27.76 24.95
N GLU E 54 16.95 26.86 24.75
CA GLU E 54 16.26 26.24 25.88
C GLU E 54 17.12 25.22 26.62
N VAL E 55 18.06 24.60 25.91
CA VAL E 55 18.93 23.60 26.53
C VAL E 55 20.40 24.01 26.51
N ASP E 56 20.69 25.15 25.90
CA ASP E 56 22.06 25.65 25.82
C ASP E 56 22.45 26.23 27.18
N ALA E 57 22.75 25.34 28.13
CA ALA E 57 23.11 25.73 29.47
C ALA E 57 24.40 26.54 29.57
N ASP E 58 25.40 26.17 28.78
CA ASP E 58 26.68 26.88 28.81
C ASP E 58 26.65 28.15 27.97
N GLY E 59 25.51 28.42 27.33
CA GLY E 59 25.39 29.61 26.51
C GLY E 59 26.51 29.80 25.50
N ASN E 60 27.03 28.70 24.96
CA ASN E 60 28.11 28.80 23.98
C ASN E 60 27.48 28.79 22.58
N GLY E 61 26.16 28.81 22.54
CA GLY E 61 25.46 28.84 21.27
C GLY E 61 25.12 27.51 20.62
N THR E 62 25.84 26.45 20.97
CA THR E 62 25.58 25.15 20.37
C THR E 62 25.15 24.11 21.41
N ILE E 63 24.78 22.93 20.92
CA ILE E 63 24.35 21.83 21.78
C ILE E 63 25.41 20.75 21.89
N ASP E 64 25.86 20.46 23.11
CA ASP E 64 26.85 19.41 23.32
C ASP E 64 26.07 18.20 23.83
N PHE E 65 26.74 17.08 24.10
CA PHE E 65 26.04 15.87 24.52
C PHE E 65 25.05 15.98 25.69
N PRO E 66 25.49 16.49 26.85
CA PRO E 66 24.55 16.59 27.97
C PRO E 66 23.34 17.48 27.66
N GLU E 67 23.57 18.56 26.94
CA GLU E 67 22.47 19.46 26.58
C GLU E 67 21.50 18.70 25.69
N PHE E 68 22.05 17.87 24.81
CA PHE E 68 21.26 17.06 23.90
C PHE E 68 20.36 16.14 24.73
N LEU E 69 20.94 15.52 25.76
CA LEU E 69 20.15 14.62 26.61
C LEU E 69 19.02 15.38 27.29
N THR E 70 19.32 16.58 27.76
CA THR E 70 18.31 17.39 28.41
C THR E 70 17.20 17.75 27.42
N ALA E 73 15.03 14.74 26.65
CA ALA E 73 14.36 14.40 27.89
C ALA E 73 13.09 15.23 28.02
N ARG E 74 13.14 16.46 27.53
CA ARG E 74 12.00 17.37 27.59
C ARG E 74 11.06 17.20 26.40
N LYS E 75 11.62 17.30 25.20
CA LYS E 75 10.84 17.20 23.97
C LYS E 75 9.98 15.96 23.79
N LYS E 77 8.71 14.00 25.84
CA LYS E 77 8.11 13.70 27.13
C LYS E 77 6.62 14.01 27.03
N ASP E 78 6.22 14.57 25.89
CA ASP E 78 4.83 14.93 25.64
C ASP E 78 4.26 14.21 24.41
N THR E 79 4.99 13.24 23.89
CA THR E 79 4.55 12.50 22.72
C THR E 79 4.60 10.99 22.91
N ASP E 80 3.82 10.26 22.11
CA ASP E 80 3.76 8.80 22.19
C ASP E 80 4.75 8.12 21.24
N SER E 81 5.18 6.92 21.63
CA SER E 81 6.12 6.14 20.84
C SER E 81 5.54 5.67 19.52
N GLU E 82 4.33 5.10 19.57
CA GLU E 82 3.65 4.57 18.40
C GLU E 82 3.86 5.45 17.16
N GLU E 83 3.47 6.71 17.26
CA GLU E 83 3.59 7.63 16.14
C GLU E 83 5.04 7.89 15.72
N GLU E 84 5.95 7.92 16.70
CA GLU E 84 7.36 8.16 16.40
C GLU E 84 7.92 6.96 15.63
N ILE E 85 7.54 5.76 16.06
CA ILE E 85 7.98 4.53 15.41
C ILE E 85 7.51 4.52 13.95
N ARG E 86 6.25 4.87 13.74
CA ARG E 86 5.70 4.89 12.38
C ARG E 86 6.52 5.87 11.55
N GLU E 87 6.85 7.02 12.14
CA GLU E 87 7.65 8.02 11.44
C GLU E 87 9.03 7.45 11.14
N ALA E 88 9.59 6.72 12.09
CA ALA E 88 10.89 6.10 11.89
C ALA E 88 10.79 5.14 10.71
N PHE E 89 9.73 4.34 10.68
CA PHE E 89 9.53 3.40 9.59
C PHE E 89 9.52 4.08 8.22
N ARG E 90 8.85 5.23 8.14
CA ARG E 90 8.76 5.96 6.87
C ARG E 90 10.12 6.41 6.36
N VAL E 91 11.01 6.74 7.28
CA VAL E 91 12.35 7.17 6.92
C VAL E 91 13.06 6.07 6.12
N PHE E 92 12.89 4.82 6.57
CA PHE E 92 13.51 3.68 5.93
C PHE E 92 12.75 3.18 4.70
N ASP E 93 11.41 3.17 4.79
CA ASP E 93 10.58 2.73 3.67
C ASP E 93 10.46 3.84 2.63
N LYS E 94 11.55 4.07 1.90
CA LYS E 94 11.62 5.12 0.89
C LYS E 94 10.41 5.28 -0.06
N ASP E 95 10.01 4.22 -0.74
CA ASP E 95 8.89 4.35 -1.67
C ASP E 95 7.50 4.28 -1.02
N GLY E 96 7.48 4.23 0.31
CA GLY E 96 6.23 4.17 1.05
C GLY E 96 5.33 2.97 0.78
N ASN E 97 5.88 1.90 0.20
CA ASN E 97 5.05 0.75 -0.12
C ASN E 97 4.81 -0.25 1.03
N GLY E 98 5.26 0.10 2.23
CA GLY E 98 5.05 -0.77 3.37
C GLY E 98 6.13 -1.81 3.65
N TYR E 99 7.13 -1.90 2.77
CA TYR E 99 8.22 -2.86 2.96
C TYR E 99 9.59 -2.24 2.79
N ILE E 100 10.46 -2.41 3.77
CA ILE E 100 11.80 -1.88 3.68
C ILE E 100 12.63 -2.89 2.88
N SER E 101 12.96 -2.56 1.64
CA SER E 101 13.77 -3.46 0.82
C SER E 101 15.23 -3.33 1.23
N ALA E 102 16.05 -4.26 0.77
CA ALA E 102 17.48 -4.25 1.09
C ALA E 102 18.12 -3.01 0.48
N ALA E 103 17.76 -2.72 -0.77
CA ALA E 103 18.31 -1.55 -1.45
C ALA E 103 17.95 -0.26 -0.70
N GLU E 104 16.69 -0.14 -0.26
CA GLU E 104 16.28 1.06 0.46
C GLU E 104 17.11 1.25 1.72
N LEU E 105 17.23 0.19 2.52
CA LEU E 105 18.00 0.29 3.76
C LEU E 105 19.45 0.62 3.45
N ARG E 106 19.97 -0.01 2.41
CA ARG E 106 21.35 0.22 1.99
C ARG E 106 21.50 1.70 1.68
N HIS E 107 20.57 2.21 0.87
CA HIS E 107 20.60 3.61 0.48
C HIS E 107 20.35 4.58 1.63
N VAL E 108 19.43 4.24 2.53
CA VAL E 108 19.15 5.12 3.66
C VAL E 108 20.33 5.16 4.63
N THR E 110 23.47 4.71 3.92
CA THR E 110 24.50 5.49 3.27
C THR E 110 24.09 6.97 3.26
N ASN E 111 22.79 7.20 3.40
CA ASN E 111 22.24 8.54 3.41
C ASN E 111 22.32 9.13 4.81
N LEU E 112 22.32 8.25 5.81
CA LEU E 112 22.39 8.68 7.21
C LEU E 112 23.82 8.88 7.68
N GLY E 113 24.78 8.59 6.82
CA GLY E 113 26.17 8.75 7.18
C GLY E 113 26.85 7.44 7.48
N GLU E 114 26.65 6.93 8.70
CA GLU E 114 27.26 5.68 9.14
C GLU E 114 27.53 4.70 7.99
N LYS E 115 28.79 4.68 7.56
CA LYS E 115 29.23 3.82 6.48
C LYS E 115 29.22 2.35 6.86
N LEU E 116 28.33 1.60 6.23
CA LEU E 116 28.21 0.17 6.48
C LEU E 116 28.33 -0.54 5.14
N THR E 117 29.02 -1.68 5.12
CA THR E 117 29.18 -2.42 3.89
C THR E 117 27.82 -2.99 3.49
N ASP E 118 27.70 -3.38 2.23
CA ASP E 118 26.46 -3.94 1.73
C ASP E 118 26.03 -5.15 2.55
N GLU E 119 27.02 -5.95 2.98
CA GLU E 119 26.73 -7.14 3.77
C GLU E 119 26.13 -6.81 5.13
N GLU E 120 26.71 -5.82 5.81
CA GLU E 120 26.23 -5.43 7.12
C GLU E 120 24.75 -5.08 7.07
N VAL E 121 24.38 -4.26 6.07
CA VAL E 121 22.99 -3.86 5.90
C VAL E 121 22.13 -5.08 5.59
N ASP E 122 22.59 -5.93 4.67
CA ASP E 122 21.84 -7.12 4.32
C ASP E 122 21.68 -8.00 5.56
N GLU E 123 22.70 -7.99 6.41
CA GLU E 123 22.64 -8.77 7.63
C GLU E 123 21.52 -8.20 8.51
N ILE E 125 18.88 -6.74 7.50
CA ILE E 125 17.62 -7.17 6.89
C ILE E 125 17.30 -8.60 7.35
N ARG E 126 18.28 -9.49 7.19
CA ARG E 126 18.11 -10.89 7.55
C ARG E 126 17.66 -11.08 8.98
N GLU E 127 18.30 -10.38 9.91
CA GLU E 127 17.98 -10.50 11.32
C GLU E 127 16.61 -9.96 11.72
N ALA E 128 16.07 -9.00 10.97
CA ALA E 128 14.77 -8.44 11.31
C ALA E 128 13.66 -9.06 10.48
N ASP E 129 14.04 -9.72 9.40
CA ASP E 129 13.08 -10.35 8.50
C ASP E 129 12.50 -11.67 9.02
N ILE E 130 11.38 -11.56 9.72
CA ILE E 130 10.71 -12.70 10.32
C ILE E 130 10.11 -13.71 9.33
N ASP E 131 9.25 -13.27 8.43
CA ASP E 131 8.62 -14.19 7.48
C ASP E 131 9.52 -14.60 6.33
N GLY E 132 10.77 -14.11 6.34
CA GLY E 132 11.75 -14.47 5.32
C GLY E 132 11.50 -14.13 3.86
N ASP E 133 11.06 -12.91 3.58
CA ASP E 133 10.80 -12.50 2.20
C ASP E 133 11.90 -11.56 1.70
N GLY E 134 12.94 -11.41 2.52
CA GLY E 134 14.04 -10.55 2.14
C GLY E 134 13.78 -9.08 2.39
N GLN E 135 12.69 -8.79 3.09
CA GLN E 135 12.31 -7.40 3.39
C GLN E 135 11.80 -7.27 4.83
N VAL E 136 11.72 -6.03 5.33
CA VAL E 136 11.22 -5.79 6.68
C VAL E 136 9.91 -5.00 6.56
N ASN E 137 8.77 -5.63 6.85
CA ASN E 137 7.50 -4.92 6.78
C ASN E 137 7.27 -4.18 8.11
N TYR E 138 6.17 -3.44 8.21
CA TYR E 138 5.92 -2.67 9.45
C TYR E 138 5.87 -3.51 10.72
N GLU E 139 5.18 -4.64 10.67
CA GLU E 139 5.09 -5.50 11.84
C GLU E 139 6.48 -5.93 12.29
N GLU E 140 7.32 -6.33 11.34
CA GLU E 140 8.67 -6.78 11.69
C GLU E 140 9.46 -5.61 12.27
N PHE E 141 9.25 -4.43 11.70
CA PHE E 141 9.93 -3.25 12.18
C PHE E 141 9.43 -2.93 13.59
N VAL E 142 8.11 -2.97 13.78
CA VAL E 142 7.51 -2.69 15.09
C VAL E 142 8.01 -3.66 16.15
N GLN E 143 8.01 -4.95 15.83
CA GLN E 143 8.48 -5.95 16.78
C GLN E 143 9.90 -5.63 17.21
N THR E 146 9.77 -2.63 19.43
CA THR E 146 9.11 -2.88 20.71
C THR E 146 9.94 -3.90 21.50
N ALA E 147 11.08 -4.28 20.92
CA ALA E 147 11.97 -5.25 21.55
C ALA E 147 12.29 -4.85 22.99
N ARG F 1 29.67 -5.26 21.12
CA ARG F 1 28.92 -4.02 20.76
C ARG F 1 29.07 -3.68 19.28
N LYS F 2 28.12 -4.16 18.48
CA LYS F 2 28.12 -3.91 17.05
C LYS F 2 27.04 -2.88 16.75
N LYS F 3 27.04 -2.37 15.52
CA LYS F 3 26.04 -1.40 15.09
C LYS F 3 24.84 -2.21 14.63
N THR F 4 23.72 -2.04 15.31
CA THR F 4 22.52 -2.78 14.95
C THR F 4 21.45 -1.91 14.29
N PHE F 5 20.51 -2.57 13.63
CA PHE F 5 19.41 -1.88 12.95
C PHE F 5 18.57 -1.22 14.05
N LYS F 6 18.45 -1.90 15.18
CA LYS F 6 17.67 -1.41 16.30
C LYS F 6 18.20 -0.09 16.85
N GLU F 7 19.51 0.03 17.01
CA GLU F 7 20.05 1.27 17.54
C GLU F 7 20.01 2.41 16.54
N VAL F 8 20.18 2.11 15.25
CA VAL F 8 20.12 3.17 14.25
C VAL F 8 18.67 3.60 14.07
N ALA F 9 17.76 2.63 14.05
CA ALA F 9 16.34 2.93 13.91
C ALA F 9 15.87 3.79 15.10
N ASN F 10 16.30 3.41 16.29
CA ASN F 10 15.94 4.15 17.50
C ASN F 10 16.54 5.55 17.50
N ALA F 11 17.72 5.70 16.90
CA ALA F 11 18.36 7.01 16.82
C ALA F 11 17.52 7.88 15.89
N VAL F 12 16.95 7.27 14.86
CA VAL F 12 16.11 8.00 13.93
C VAL F 12 14.80 8.34 14.64
N LYS F 13 14.27 7.38 15.38
CA LYS F 13 13.04 7.59 16.12
C LYS F 13 13.22 8.81 17.02
N ILE F 14 14.35 8.85 17.73
CA ILE F 14 14.67 9.95 18.63
C ILE F 14 14.75 11.29 17.91
N SER F 15 15.64 11.36 16.92
CA SER F 15 15.84 12.59 16.16
C SER F 15 14.57 13.14 15.52
N ALA F 16 13.56 12.30 15.37
CA ALA F 16 12.31 12.73 14.76
C ALA F 16 11.30 13.22 15.81
N SER F 17 11.51 12.80 17.06
CA SER F 17 10.64 13.18 18.16
C SER F 17 10.98 14.57 18.69
N LEU F 18 11.60 15.38 17.84
CA LEU F 18 12.01 16.73 18.21
C LEU F 18 10.93 17.78 17.97
N MET F 19 9.77 17.59 18.59
CA MET F 19 8.66 18.53 18.44
C MET F 19 9.14 19.96 18.67
N GLN G 3 1.68 7.94 38.63
CA GLN G 3 0.48 7.24 38.11
C GLN G 3 -0.52 7.99 37.17
N LEU G 4 -1.22 9.09 37.49
CA LEU G 4 -2.20 9.61 36.48
C LEU G 4 -1.77 10.66 35.43
N THR G 5 -1.78 10.24 34.15
CA THR G 5 -1.38 11.07 33.00
C THR G 5 -2.49 11.86 32.30
N GLU G 6 -2.08 12.72 31.36
CA GLU G 6 -3.02 13.54 30.61
C GLU G 6 -3.85 12.67 29.67
N GLU G 7 -3.20 11.67 29.07
CA GLU G 7 -3.88 10.76 28.15
C GLU G 7 -5.00 10.05 28.88
N GLN G 8 -4.74 9.63 30.12
CA GLN G 8 -5.74 8.95 30.92
C GLN G 8 -6.89 9.92 31.18
N ILE G 9 -6.55 11.15 31.53
CA ILE G 9 -7.55 12.17 31.81
C ILE G 9 -8.39 12.42 30.57
N ALA G 10 -7.73 12.60 29.43
CA ALA G 10 -8.44 12.84 28.17
C ALA G 10 -9.45 11.73 27.89
N GLU G 11 -9.06 10.49 28.17
CA GLU G 11 -9.93 9.34 27.93
C GLU G 11 -11.16 9.37 28.82
N PHE G 12 -10.98 9.61 30.11
CA PHE G 12 -12.13 9.68 31.00
C PHE G 12 -12.98 10.88 30.61
N LYS G 13 -12.34 11.93 30.13
CA LYS G 13 -13.07 13.13 29.71
C LYS G 13 -13.90 12.81 28.47
N GLU G 14 -13.34 12.03 27.57
CA GLU G 14 -14.06 11.65 26.36
C GLU G 14 -15.24 10.75 26.74
N ALA G 15 -14.97 9.80 27.63
CA ALA G 15 -15.99 8.89 28.10
C ALA G 15 -17.14 9.68 28.72
N PHE G 16 -16.81 10.58 29.64
CA PHE G 16 -17.82 11.41 30.30
C PHE G 16 -18.68 12.12 29.27
N SER G 17 -18.04 12.66 28.23
CA SER G 17 -18.77 13.37 27.19
C SER G 17 -19.70 12.48 26.38
N LEU G 18 -19.40 11.19 26.32
CA LEU G 18 -20.24 10.25 25.57
C LEU G 18 -21.58 10.06 26.28
N PHE G 19 -21.56 10.10 27.60
CA PHE G 19 -22.77 9.97 28.41
C PHE G 19 -23.48 11.32 28.48
N ASP G 20 -22.70 12.36 28.71
CA ASP G 20 -23.24 13.72 28.82
C ASP G 20 -23.37 14.34 27.43
N LYS G 21 -24.24 13.75 26.62
CA LYS G 21 -24.46 14.21 25.25
C LYS G 21 -24.91 15.67 25.14
N ASP G 22 -25.68 16.14 26.10
CA ASP G 22 -26.18 17.52 26.08
C ASP G 22 -25.07 18.47 26.56
N GLY G 23 -24.06 17.90 27.20
CA GLY G 23 -22.94 18.68 27.69
C GLY G 23 -23.26 19.70 28.77
N ASP G 24 -24.14 19.35 29.70
CA ASP G 24 -24.50 20.27 30.76
C ASP G 24 -23.61 20.08 31.99
N GLY G 25 -22.70 19.11 31.92
CA GLY G 25 -21.80 18.87 33.03
C GLY G 25 -22.24 17.79 34.01
N THR G 26 -23.40 17.17 33.75
CA THR G 26 -23.90 16.12 34.63
C THR G 26 -24.50 15.00 33.81
N ILE G 27 -24.49 13.80 34.36
CA ILE G 27 -25.06 12.66 33.66
C ILE G 27 -26.34 12.25 34.37
N THR G 28 -27.47 12.39 33.68
CA THR G 28 -28.75 12.03 34.26
C THR G 28 -29.01 10.54 34.05
N THR G 29 -30.06 10.04 34.68
CA THR G 29 -30.41 8.63 34.53
C THR G 29 -30.75 8.34 33.08
N LYS G 30 -31.37 9.31 32.39
CA LYS G 30 -31.74 9.12 30.99
C LYS G 30 -30.51 9.04 30.10
N GLU G 31 -29.56 9.94 30.31
CA GLU G 31 -28.33 9.95 29.53
C GLU G 31 -27.61 8.63 29.74
N LEU G 32 -27.69 8.11 30.96
CA LEU G 32 -27.05 6.86 31.31
C LEU G 32 -27.68 5.71 30.52
N GLY G 33 -29.02 5.70 30.47
CA GLY G 33 -29.70 4.66 29.72
C GLY G 33 -29.45 4.70 28.23
N THR G 34 -29.31 5.90 27.69
CA THR G 34 -29.05 6.10 26.26
C THR G 34 -27.79 5.38 25.81
N VAL G 35 -26.68 5.61 26.50
CA VAL G 35 -25.43 4.97 26.16
C VAL G 35 -25.53 3.47 26.38
N ARG G 37 -27.95 1.57 26.15
CA ARG G 37 -28.73 0.93 25.09
C ARG G 37 -27.94 0.90 23.79
N SER G 38 -27.17 1.95 23.53
CA SER G 38 -26.34 2.02 22.33
C SER G 38 -25.29 0.92 22.38
N LEU G 39 -24.98 0.45 23.59
CA LEU G 39 -23.99 -0.60 23.76
C LEU G 39 -24.65 -1.96 23.81
N GLY G 40 -25.91 -2.01 23.39
CA GLY G 40 -26.64 -3.26 23.36
C GLY G 40 -27.32 -3.72 24.65
N GLN G 41 -27.29 -2.89 25.68
CA GLN G 41 -27.91 -3.24 26.95
C GLN G 41 -29.30 -2.65 27.08
N ASN G 42 -30.05 -3.14 28.06
CA ASN G 42 -31.40 -2.66 28.33
C ASN G 42 -31.64 -2.58 29.84
N PRO G 43 -30.99 -1.61 30.50
CA PRO G 43 -31.16 -1.45 31.94
C PRO G 43 -32.51 -0.86 32.32
N THR G 44 -33.03 -1.28 33.46
CA THR G 44 -34.30 -0.75 33.93
C THR G 44 -33.99 0.55 34.66
N GLU G 45 -35.02 1.32 34.93
CA GLU G 45 -34.87 2.58 35.64
C GLU G 45 -34.25 2.27 37.02
N ALA G 46 -34.78 1.23 37.67
CA ALA G 46 -34.30 0.84 38.99
C ALA G 46 -32.79 0.55 38.98
N GLU G 47 -32.32 -0.15 37.95
CA GLU G 47 -30.90 -0.47 37.85
C GLU G 47 -30.07 0.79 37.66
N LEU G 48 -30.54 1.69 36.80
CA LEU G 48 -29.82 2.92 36.56
C LEU G 48 -29.72 3.73 37.86
N GLN G 49 -30.83 3.83 38.59
CA GLN G 49 -30.84 4.58 39.84
C GLN G 49 -29.90 3.99 40.88
N ASP G 50 -29.84 2.66 40.96
CA ASP G 50 -28.94 2.02 41.90
C ASP G 50 -27.50 2.40 41.56
N ILE G 52 -26.31 5.11 39.92
CA ILE G 52 -26.08 6.49 40.32
C ILE G 52 -25.96 6.62 41.84
N ASN G 53 -26.86 5.95 42.55
CA ASN G 53 -26.87 6.02 44.02
C ASN G 53 -25.58 5.59 44.71
N GLU G 54 -25.02 4.46 44.31
CA GLU G 54 -23.82 3.99 44.98
C GLU G 54 -22.59 4.88 44.80
N VAL G 55 -22.74 5.96 44.04
CA VAL G 55 -21.61 6.87 43.82
C VAL G 55 -22.04 8.33 43.87
N ASP G 56 -23.32 8.60 44.13
CA ASP G 56 -23.76 9.98 44.19
C ASP G 56 -23.45 10.56 45.56
N ALA G 57 -22.18 10.90 45.76
CA ALA G 57 -21.72 11.45 47.03
C ALA G 57 -22.49 12.70 47.47
N ASP G 58 -22.70 13.64 46.56
CA ASP G 58 -23.42 14.86 46.92
C ASP G 58 -24.93 14.69 46.83
N GLY G 59 -25.36 13.44 46.69
CA GLY G 59 -26.78 13.12 46.62
C GLY G 59 -27.73 14.06 45.88
N ASN G 60 -27.31 14.60 44.75
CA ASN G 60 -28.14 15.52 43.99
C ASN G 60 -28.94 14.84 42.87
N GLY G 61 -28.86 13.51 42.82
CA GLY G 61 -29.60 12.76 41.81
C GLY G 61 -28.97 12.61 40.45
N THR G 62 -27.80 13.18 40.24
CA THR G 62 -27.12 13.08 38.96
C THR G 62 -25.63 12.79 39.17
N ILE G 63 -24.91 12.54 38.07
CA ILE G 63 -23.50 12.23 38.17
C ILE G 63 -22.58 13.28 37.55
N ASP G 64 -21.67 13.82 38.36
CA ASP G 64 -20.71 14.81 37.86
C ASP G 64 -19.43 14.08 37.48
N PHE G 65 -18.43 14.81 36.98
CA PHE G 65 -17.19 14.19 36.56
C PHE G 65 -16.48 13.39 37.65
N PRO G 66 -16.25 14.00 38.83
CA PRO G 66 -15.59 13.22 39.88
C PRO G 66 -16.35 11.97 40.33
N GLU G 67 -17.68 12.05 40.36
CA GLU G 67 -18.48 10.89 40.74
C GLU G 67 -18.41 9.85 39.62
N PHE G 68 -18.37 10.32 38.39
CA PHE G 68 -18.28 9.44 37.22
C PHE G 68 -16.97 8.68 37.34
N LEU G 69 -15.90 9.45 37.54
CA LEU G 69 -14.56 8.91 37.69
C LEU G 69 -14.57 7.81 38.74
N THR G 70 -15.20 8.10 39.88
CA THR G 70 -15.29 7.12 40.97
C THR G 70 -16.05 5.89 40.50
N ALA G 73 -14.05 3.72 38.13
CA ALA G 73 -12.90 3.12 38.79
C ALA G 73 -13.31 1.85 39.51
N ARG G 74 -14.48 1.87 40.13
CA ARG G 74 -14.99 0.71 40.86
C ARG G 74 -15.17 -0.47 39.90
N LYS G 75 -15.87 -0.22 38.80
CA LYS G 75 -16.17 -1.23 37.80
C LYS G 75 -15.01 -1.75 36.97
N LYS G 77 -11.81 -3.22 37.25
CA LYS G 77 -10.80 -4.01 37.95
C LYS G 77 -11.49 -5.04 38.83
N ASP G 78 -12.81 -5.15 38.68
CA ASP G 78 -13.58 -6.15 39.41
C ASP G 78 -13.76 -7.27 38.39
N THR G 79 -13.24 -7.00 37.20
CA THR G 79 -13.25 -7.92 36.05
C THR G 79 -12.30 -7.21 35.05
N ASP G 80 -11.10 -7.77 34.93
CA ASP G 80 -10.02 -7.20 34.11
C ASP G 80 -10.19 -6.83 32.64
N SER G 81 -9.20 -6.07 32.16
CA SER G 81 -9.10 -5.54 30.81
C SER G 81 -9.53 -6.42 29.64
N GLU G 82 -8.67 -7.36 29.25
CA GLU G 82 -8.96 -8.25 28.12
C GLU G 82 -10.44 -8.29 27.75
N GLU G 83 -11.27 -8.65 28.73
CA GLU G 83 -12.72 -8.71 28.51
C GLU G 83 -13.28 -7.36 28.07
N GLU G 84 -12.92 -6.30 28.79
CA GLU G 84 -13.39 -4.95 28.46
C GLU G 84 -12.84 -4.52 27.10
N ILE G 85 -11.59 -4.86 26.82
CA ILE G 85 -11.00 -4.52 25.53
C ILE G 85 -11.82 -5.21 24.44
N ARG G 86 -12.00 -6.51 24.59
CA ARG G 86 -12.77 -7.30 23.63
C ARG G 86 -14.17 -6.75 23.44
N GLU G 87 -14.76 -6.25 24.52
CA GLU G 87 -16.09 -5.68 24.44
C GLU G 87 -16.05 -4.42 23.62
N ALA G 88 -15.02 -3.61 23.83
CA ALA G 88 -14.87 -2.37 23.07
C ALA G 88 -14.73 -2.73 21.58
N PHE G 89 -13.89 -3.72 21.26
CA PHE G 89 -13.68 -4.14 19.87
C PHE G 89 -15.03 -4.50 19.26
N ARG G 90 -15.83 -5.25 20.01
CA ARG G 90 -17.15 -5.66 19.55
C ARG G 90 -18.05 -4.48 19.20
N VAL G 91 -17.90 -3.39 19.94
CA VAL G 91 -18.71 -2.19 19.68
C VAL G 91 -18.35 -1.61 18.32
N PHE G 92 -17.06 -1.53 18.03
CA PHE G 92 -16.59 -0.99 16.77
C PHE G 92 -16.84 -1.94 15.60
N ASP G 93 -16.59 -3.23 15.81
CA ASP G 93 -16.78 -4.22 14.76
C ASP G 93 -18.25 -4.63 14.72
N LYS G 94 -19.07 -3.71 14.21
CA LYS G 94 -20.52 -3.91 14.15
C LYS G 94 -21.02 -5.16 13.42
N ASP G 95 -20.41 -5.56 12.33
CA ASP G 95 -20.88 -6.75 11.62
C ASP G 95 -20.26 -8.03 12.18
N GLY G 96 -19.40 -7.88 13.19
CA GLY G 96 -18.75 -9.01 13.81
C GLY G 96 -17.86 -9.86 12.91
N ASN G 97 -17.31 -9.28 11.84
CA ASN G 97 -16.47 -10.08 10.96
C ASN G 97 -15.00 -10.07 11.37
N GLY G 98 -14.70 -9.49 12.53
CA GLY G 98 -13.34 -9.46 13.03
C GLY G 98 -12.46 -8.33 12.53
N TYR G 99 -13.03 -7.43 11.73
CA TYR G 99 -12.29 -6.30 11.18
C TYR G 99 -13.08 -4.99 11.32
N ILE G 100 -12.45 -3.97 11.87
CA ILE G 100 -13.09 -2.68 12.01
C ILE G 100 -12.77 -1.90 10.74
N SER G 101 -13.78 -1.67 9.91
CA SER G 101 -13.61 -0.93 8.66
C SER G 101 -13.70 0.57 8.95
N ALA G 102 -13.27 1.38 7.97
CA ALA G 102 -13.34 2.82 8.13
C ALA G 102 -14.82 3.18 8.28
N ALA G 103 -15.67 2.48 7.54
CA ALA G 103 -17.11 2.71 7.59
C ALA G 103 -17.68 2.44 8.99
N GLU G 104 -17.23 1.36 9.62
CA GLU G 104 -17.70 1.02 10.96
C GLU G 104 -17.21 2.03 11.99
N LEU G 105 -15.94 2.42 11.87
CA LEU G 105 -15.37 3.39 12.78
C LEU G 105 -16.16 4.71 12.71
N ARG G 106 -16.34 5.22 11.49
CA ARG G 106 -17.08 6.46 11.30
C ARG G 106 -18.48 6.34 11.87
N HIS G 107 -19.15 5.21 11.63
CA HIS G 107 -20.50 5.01 12.12
C HIS G 107 -20.58 5.02 13.64
N VAL G 108 -19.69 4.28 14.28
CA VAL G 108 -19.67 4.20 15.74
C VAL G 108 -19.37 5.56 16.34
N THR G 110 -20.13 8.51 15.21
CA THR G 110 -21.41 9.19 15.13
C THR G 110 -22.42 8.68 16.16
N ASN G 111 -22.80 7.41 16.07
CA ASN G 111 -23.77 6.84 16.98
C ASN G 111 -23.54 7.20 18.45
N LEU G 112 -22.29 7.13 18.88
CA LEU G 112 -21.96 7.45 20.27
C LEU G 112 -21.84 8.96 20.48
N GLY G 113 -22.08 9.73 19.41
CA GLY G 113 -22.01 11.17 19.51
C GLY G 113 -20.92 11.83 18.70
N GLU G 114 -19.67 11.48 18.99
CA GLU G 114 -18.53 12.07 18.28
C GLU G 114 -18.69 12.15 16.77
N LYS G 115 -18.71 13.38 16.26
CA LYS G 115 -18.83 13.65 14.83
C LYS G 115 -17.49 14.16 14.30
N LEU G 116 -16.95 13.51 13.28
CA LEU G 116 -15.67 13.93 12.71
C LEU G 116 -15.66 13.87 11.19
N THR G 117 -14.49 14.06 10.61
CA THR G 117 -14.31 14.03 9.16
C THR G 117 -14.00 12.62 8.72
N ASP G 118 -14.37 12.27 7.49
CA ASP G 118 -14.09 10.95 6.98
C ASP G 118 -12.58 10.82 6.80
N GLU G 119 -11.89 11.95 6.90
CA GLU G 119 -10.44 11.96 6.78
C GLU G 119 -9.84 11.60 8.13
N GLU G 120 -10.44 12.12 9.20
CA GLU G 120 -9.97 11.82 10.55
C GLU G 120 -10.15 10.34 10.83
N VAL G 121 -11.20 9.76 10.25
CA VAL G 121 -11.50 8.35 10.44
C VAL G 121 -10.39 7.50 9.84
N ASP G 122 -9.99 7.81 8.61
CA ASP G 122 -8.92 7.09 7.93
C ASP G 122 -7.60 7.24 8.66
N GLU G 123 -7.34 8.43 9.18
CA GLU G 123 -6.10 8.68 9.91
C GLU G 123 -6.12 7.85 11.19
N ILE G 125 -7.54 4.93 11.56
CA ILE G 125 -7.24 3.55 11.17
C ILE G 125 -5.73 3.39 11.07
N ARG G 126 -5.07 4.35 10.42
CA ARG G 126 -3.62 4.31 10.25
C ARG G 126 -2.87 4.27 11.57
N GLU G 127 -3.52 4.68 12.64
CA GLU G 127 -2.90 4.68 13.96
C GLU G 127 -2.77 3.28 14.55
N ALA G 128 -3.63 2.37 14.10
CA ALA G 128 -3.60 1.01 14.61
C ALA G 128 -3.32 -0.05 13.55
N ASP G 129 -3.54 0.30 12.29
CA ASP G 129 -3.34 -0.65 11.19
C ASP G 129 -1.86 -1.00 11.05
N ILE G 130 -1.56 -2.28 11.21
CA ILE G 130 -0.20 -2.78 11.13
C ILE G 130 0.14 -3.49 9.81
N ASP G 131 -0.81 -4.25 9.28
CA ASP G 131 -0.58 -5.00 8.04
C ASP G 131 -0.97 -4.22 6.79
N GLY G 132 -1.41 -2.98 6.98
CA GLY G 132 -1.78 -2.13 5.86
C GLY G 132 -3.02 -2.44 5.06
N ASP G 133 -3.97 -3.19 5.62
CA ASP G 133 -5.18 -3.51 4.88
C ASP G 133 -6.25 -2.43 5.03
N GLY G 134 -5.92 -1.35 5.73
CA GLY G 134 -6.89 -0.27 5.91
C GLY G 134 -8.01 -0.61 6.88
N GLN G 135 -7.79 -1.62 7.72
CA GLN G 135 -8.77 -2.05 8.70
C GLN G 135 -8.05 -2.39 9.99
N VAL G 136 -8.78 -2.43 11.10
CA VAL G 136 -8.15 -2.76 12.37
C VAL G 136 -8.68 -4.12 12.83
N ASN G 137 -7.81 -5.13 12.80
CA ASN G 137 -8.23 -6.45 13.21
C ASN G 137 -8.12 -6.60 14.73
N TYR G 138 -8.43 -7.77 15.25
CA TYR G 138 -8.42 -8.00 16.69
C TYR G 138 -7.08 -7.74 17.40
N GLU G 139 -6.01 -8.36 16.91
CA GLU G 139 -4.69 -8.17 17.53
C GLU G 139 -4.19 -6.73 17.39
N GLU G 140 -4.51 -6.08 16.27
CA GLU G 140 -4.09 -4.67 16.10
C GLU G 140 -4.80 -3.80 17.14
N PHE G 141 -6.07 -4.08 17.35
CA PHE G 141 -6.85 -3.31 18.32
C PHE G 141 -6.28 -3.56 19.71
N VAL G 142 -6.09 -4.84 20.05
CA VAL G 142 -5.56 -5.19 21.36
C VAL G 142 -4.24 -4.48 21.62
N GLN G 143 -3.36 -4.46 20.61
CA GLN G 143 -2.06 -3.83 20.76
C GLN G 143 -2.12 -2.34 21.02
N THR G 146 -3.31 -2.03 24.64
CA THR G 146 -2.42 -2.47 25.71
C THR G 146 -1.08 -1.74 25.61
N ALA G 147 -1.03 -0.70 24.78
CA ALA G 147 0.19 0.08 24.60
C ALA G 147 0.34 1.09 25.73
N ARG H 1 -7.22 19.32 21.11
CA ARG H 1 -6.47 18.69 20.00
C ARG H 1 -7.42 17.94 19.08
N LYS H 2 -6.88 16.96 18.36
CA LYS H 2 -7.66 16.13 17.47
C LYS H 2 -7.77 14.81 18.20
N LYS H 3 -8.95 14.18 18.15
CA LYS H 3 -9.15 12.91 18.83
C LYS H 3 -8.31 11.80 18.20
N THR H 4 -7.68 10.99 19.04
CA THR H 4 -6.90 9.86 18.54
C THR H 4 -7.79 8.63 18.66
N PHE H 5 -7.54 7.64 17.82
CA PHE H 5 -8.34 6.43 17.86
C PHE H 5 -8.20 5.83 19.25
N LYS H 6 -6.98 5.86 19.78
CA LYS H 6 -6.71 5.31 21.10
C LYS H 6 -7.58 6.01 22.14
N GLU H 7 -7.70 7.33 22.01
CA GLU H 7 -8.50 8.11 22.93
C GLU H 7 -9.96 7.67 22.93
N VAL H 8 -10.57 7.61 21.74
CA VAL H 8 -11.96 7.21 21.65
C VAL H 8 -12.19 5.72 21.97
N ALA H 9 -11.24 4.87 21.58
CA ALA H 9 -11.37 3.45 21.84
C ALA H 9 -11.41 3.19 23.34
N ASN H 10 -10.51 3.84 24.07
CA ASN H 10 -10.47 3.68 25.52
C ASN H 10 -11.73 4.27 26.15
N ALA H 11 -12.25 5.33 25.55
CA ALA H 11 -13.47 5.96 26.06
C ALA H 11 -14.61 4.94 25.94
N VAL H 12 -14.64 4.23 24.81
CA VAL H 12 -15.65 3.19 24.59
C VAL H 12 -15.44 2.04 25.57
N LYS H 13 -14.19 1.67 25.79
CA LYS H 13 -13.86 0.59 26.72
C LYS H 13 -14.43 0.95 28.10
N ILE H 14 -14.18 2.19 28.52
CA ILE H 14 -14.66 2.68 29.81
C ILE H 14 -16.19 2.61 29.85
N SER H 15 -16.84 3.27 28.89
CA SER H 15 -18.28 3.29 28.82
C SER H 15 -18.89 1.89 28.85
N ALA H 16 -18.21 0.93 28.23
CA ALA H 16 -18.70 -0.44 28.18
C ALA H 16 -18.49 -1.21 29.48
N SER H 17 -17.64 -0.71 30.35
CA SER H 17 -17.37 -1.39 31.61
C SER H 17 -18.55 -1.44 32.57
N LEU H 18 -19.58 -0.61 32.33
CA LEU H 18 -20.75 -0.61 33.20
C LEU H 18 -21.67 -1.78 32.84
N MET H 19 -21.08 -2.84 32.30
CA MET H 19 -21.82 -4.04 31.91
C MET H 19 -21.35 -5.21 32.76
#